data_7M0U
#
_entry.id   7M0U
#
_cell.length_a   115.722
_cell.length_b   115.722
_cell.length_c   129.620
_cell.angle_alpha   90.000
_cell.angle_beta   90.000
_cell.angle_gamma   120.000
#
_symmetry.space_group_name_H-M   'P 31 2 1'
#
loop_
_entity.id
_entity.type
_entity.pdbx_description
1 polymer 'Serine/threonine-protein kinase B-raf'
2 polymer 'Dual specificity mitogen-activated protein kinase kinase 1'
3 non-polymer 'PHOSPHOAMINOPHOSPHONIC ACID-ADENYLATE ESTER'
4 non-polymer 'MAGNESIUM ION'
5 non-polymer 5-[(4-bromo-2-fluorophenyl)amino]-4-fluoro-N-(2-hydroxyethoxy)-1-methyl-1H-benzimidazole-6-carboxamide
6 water water
#
loop_
_entity_poly.entity_id
_entity_poly.type
_entity_poly.pdbx_seq_one_letter_code
_entity_poly.pdbx_strand_id
1 'polypeptide(L)'
;GGGRDSSDDWEIPDGQITVGQRIGSGSFGTVYKGKWHGDVAVKMLNVTAPTPQQLQAFKNEVGVLRKTRHVNILLFMGYS
TKPQLAIVTQWCEGSSLYHHLHIIETKFEMIKLIDIARQTAQGMDYLHAKSIIHRDLKSNNIFLHEDLTVKIGDFGLATV
KSRWSGSHQFEQLSGSILWMAPEVIRMQDKNPYSFQSDVYAFGIVLYELMTGQLPYSNINNRDQIIFMVGRGYLSPDLSK
VRSNCPKAMKRLMAECLKKKRDERPLFPQILASIELLARSLPK
;
A
2 'polypeptide(L)'
;GGGRMPKKKPTPIQLNPAPDGSAVNGTSSAETNLEALQKKLEELELDEQQRKRLEAFLTQKQKVGELKDDDFEKISELGA
GNGGVVFKVSHKPSGLVMARKLIHLEIKPAIRNQIIRELQVLHECNSPYIVGFYGAFYSDGEISICMEHMDGGSLDQVLK
KAGRIPEQILGKVSIAVIKGLTYLREKHKIMHRDVKPSNILVNSRGEIKLCDFGVSGQLIDAMANAFVGTRSYMSPERLQ
GTHYSVQSDIWSMGLSLVEMAVGRYPIPPPDAKELELMFGCQVEGDAAETPPRPRTPGRPLSSYGMDSRPPMAIFELLDY
IVNEPPPKLPSGVFSLEFQDFVNKCLIKNPAERADLKQLMVHAFIKRSDAEEVDFAGWLCSTIGLNQPSTPTHAAGV
;
B
#
loop_
_chem_comp.id
_chem_comp.type
_chem_comp.name
_chem_comp.formula
ANP non-polymer 'PHOSPHOAMINOPHOSPHONIC ACID-ADENYLATE ESTER' 'C10 H17 N6 O12 P3'
MG non-polymer 'MAGNESIUM ION' 'Mg 2'
QO7 non-polymer 5-[(4-bromo-2-fluorophenyl)amino]-4-fluoro-N-(2-hydroxyethoxy)-1-methyl-1H-benzimidazole-6-carboxamide 'C17 H15 Br F2 N4 O3'
#
# COMPACT_ATOMS: atom_id res chain seq x y z
N ASP A 9 -14.74 17.02 -29.14
CA ASP A 9 -15.32 17.04 -27.80
C ASP A 9 -15.96 15.68 -27.46
N TRP A 10 -15.15 14.78 -26.91
CA TRP A 10 -15.53 13.40 -26.61
C TRP A 10 -16.14 13.21 -25.23
N GLU A 11 -16.97 14.15 -24.74
CA GLU A 11 -17.53 14.12 -23.40
C GLU A 11 -18.83 13.31 -23.37
N ILE A 12 -19.41 13.17 -22.19
CA ILE A 12 -20.62 12.36 -21.99
C ILE A 12 -21.44 12.93 -20.83
N PRO A 13 -22.68 13.34 -21.06
CA PRO A 13 -23.47 13.90 -19.96
C PRO A 13 -23.73 12.86 -18.87
N ASP A 14 -24.21 13.39 -17.74
CA ASP A 14 -24.42 12.57 -16.55
C ASP A 14 -25.43 11.47 -16.83
N GLY A 15 -26.58 11.84 -17.38
CA GLY A 15 -27.69 10.94 -17.50
C GLY A 15 -27.51 9.84 -18.49
N GLN A 16 -26.38 9.80 -19.18
CA GLN A 16 -26.19 8.83 -20.25
C GLN A 16 -25.75 7.49 -19.70
N ILE A 17 -24.83 7.52 -18.72
CA ILE A 17 -24.21 6.33 -18.15
C ILE A 17 -25.06 5.80 -17.00
N THR A 18 -25.41 4.52 -17.05
CA THR A 18 -26.03 3.83 -15.92
C THR A 18 -24.92 3.15 -15.14
N VAL A 19 -24.42 3.83 -14.11
CA VAL A 19 -23.38 3.28 -13.22
C VAL A 19 -23.96 2.13 -12.39
N GLY A 20 -23.22 1.02 -12.31
CA GLY A 20 -23.71 -0.18 -11.60
C GLY A 20 -22.83 -0.65 -10.44
N GLN A 21 -22.60 -1.95 -10.34
CA GLN A 21 -21.88 -2.52 -9.19
C GLN A 21 -20.41 -2.07 -9.15
N ARG A 22 -19.96 -1.67 -7.96
CA ARG A 22 -18.56 -1.29 -7.74
C ARG A 22 -17.69 -2.53 -7.86
N ILE A 23 -16.68 -2.47 -8.72
CA ILE A 23 -15.87 -3.64 -8.96
C ILE A 23 -14.63 -3.62 -8.09
N GLY A 24 -13.89 -2.52 -8.10
CA GLY A 24 -12.63 -2.44 -7.37
C GLY A 24 -11.85 -1.21 -7.75
N SER A 25 -10.76 -1.01 -7.01
CA SER A 25 -9.91 0.17 -7.15
C SER A 25 -8.48 -0.23 -7.47
N GLY A 26 -7.79 0.68 -8.14
CA GLY A 26 -6.47 0.47 -8.69
C GLY A 26 -5.55 1.60 -8.26
N SER A 27 -4.62 1.92 -9.14
CA SER A 27 -3.67 2.97 -8.81
C SER A 27 -4.17 4.38 -9.12
N PHE A 28 -5.30 4.53 -9.80
CA PHE A 28 -5.73 5.86 -10.17
C PHE A 28 -7.22 5.95 -10.43
N GLY A 29 -8.02 5.06 -9.84
CA GLY A 29 -9.45 5.11 -10.04
C GLY A 29 -10.16 3.99 -9.31
N THR A 30 -11.49 4.02 -9.41
CA THR A 30 -12.30 2.90 -8.98
C THR A 30 -13.28 2.55 -10.10
N VAL A 31 -13.35 1.28 -10.40
CA VAL A 31 -14.07 0.78 -11.55
C VAL A 31 -15.45 0.33 -11.10
N TYR A 32 -16.46 0.61 -11.92
CA TYR A 32 -17.80 0.09 -11.74
C TYR A 32 -18.25 -0.52 -13.05
N LYS A 33 -19.11 -1.54 -12.99
CA LYS A 33 -19.73 -2.06 -14.20
C LYS A 33 -20.90 -1.17 -14.55
N GLY A 34 -20.81 -0.46 -15.67
CA GLY A 34 -21.84 0.45 -16.11
C GLY A 34 -22.55 -0.05 -17.35
N LYS A 35 -23.52 0.75 -17.78
CA LYS A 35 -24.27 0.53 -19.02
C LYS A 35 -24.14 1.80 -19.86
N TRP A 36 -23.96 1.62 -21.17
CA TRP A 36 -23.84 2.73 -22.12
C TRP A 36 -23.87 2.14 -23.52
N HIS A 37 -25.07 1.84 -24.02
CA HIS A 37 -25.26 1.09 -25.26
C HIS A 37 -24.56 -0.25 -25.17
N GLY A 38 -24.76 -0.92 -24.05
CA GLY A 38 -24.04 -2.14 -23.71
C GLY A 38 -23.25 -1.97 -22.44
N ASP A 39 -22.72 -3.10 -21.96
CA ASP A 39 -21.91 -3.06 -20.75
C ASP A 39 -20.63 -2.26 -20.98
N VAL A 40 -20.32 -1.34 -20.08
CA VAL A 40 -19.02 -0.68 -20.11
C VAL A 40 -18.30 -0.85 -18.78
N ALA A 41 -17.07 -0.36 -18.71
CA ALA A 41 -16.39 -0.19 -17.44
C ALA A 41 -16.24 1.30 -17.14
N VAL A 42 -16.80 1.72 -16.02
CA VAL A 42 -16.77 3.11 -15.58
C VAL A 42 -15.72 3.20 -14.48
N LYS A 43 -14.61 3.87 -14.75
CA LYS A 43 -13.58 4.06 -13.73
C LYS A 43 -13.68 5.51 -13.26
N MET A 44 -14.12 5.70 -12.00
CA MET A 44 -14.20 7.01 -11.36
C MET A 44 -12.80 7.44 -10.94
N LEU A 45 -12.23 8.40 -11.67
CA LEU A 45 -10.85 8.76 -11.41
C LEU A 45 -10.65 9.29 -9.98
N ASN A 46 -9.39 9.33 -9.56
CA ASN A 46 -9.05 9.76 -8.21
C ASN A 46 -8.99 11.28 -8.13
N VAL A 47 -8.29 11.92 -9.06
CA VAL A 47 -8.26 13.37 -9.12
C VAL A 47 -9.67 13.87 -9.36
N THR A 48 -10.31 14.32 -8.28
CA THR A 48 -11.72 14.72 -8.27
C THR A 48 -11.91 16.07 -8.97
N ALA A 49 -11.45 17.16 -8.36
CA ALA A 49 -11.55 18.46 -8.99
C ALA A 49 -10.29 18.70 -9.80
N PRO A 50 -10.35 18.66 -11.12
CA PRO A 50 -9.17 18.93 -11.93
C PRO A 50 -9.04 20.41 -12.22
N THR A 51 -7.85 20.78 -12.69
CA THR A 51 -7.49 22.13 -13.10
C THR A 51 -8.01 22.39 -14.51
N PRO A 52 -8.52 23.60 -14.81
CA PRO A 52 -8.78 23.93 -16.21
C PRO A 52 -7.54 23.79 -17.09
N GLN A 53 -6.34 23.89 -16.50
CA GLN A 53 -5.11 23.57 -17.25
C GLN A 53 -4.86 22.08 -17.31
N GLN A 54 -5.18 21.37 -16.23
CA GLN A 54 -5.15 19.92 -16.28
C GLN A 54 -6.24 19.41 -17.22
N LEU A 55 -7.47 19.90 -17.06
CA LEU A 55 -8.59 19.38 -17.87
C LEU A 55 -8.33 19.49 -19.36
N GLN A 56 -7.62 20.52 -19.80
CA GLN A 56 -7.45 20.58 -21.24
C GLN A 56 -6.40 19.58 -21.70
N ALA A 57 -5.45 19.22 -20.84
CA ALA A 57 -4.49 18.18 -21.22
C ALA A 57 -5.12 16.79 -21.23
N PHE A 58 -6.05 16.56 -20.30
CA PHE A 58 -6.82 15.31 -20.24
C PHE A 58 -7.72 15.15 -21.44
N LYS A 59 -8.41 16.23 -21.84
CA LYS A 59 -9.17 16.19 -23.07
C LYS A 59 -8.24 15.89 -24.26
N ASN A 60 -7.09 16.57 -24.32
CA ASN A 60 -6.15 16.33 -25.41
C ASN A 60 -5.71 14.87 -25.47
N GLU A 61 -5.50 14.27 -24.30
CA GLU A 61 -5.07 12.88 -24.29
C GLU A 61 -6.19 11.96 -24.76
N VAL A 62 -7.43 12.22 -24.34
CA VAL A 62 -8.58 11.43 -24.78
C VAL A 62 -8.66 11.40 -26.31
N GLY A 63 -8.33 12.52 -26.94
CA GLY A 63 -8.30 12.56 -28.38
C GLY A 63 -7.37 11.52 -28.96
N VAL A 64 -6.17 11.39 -28.38
CA VAL A 64 -5.24 10.41 -28.90
C VAL A 64 -5.75 9.00 -28.62
N LEU A 65 -6.41 8.81 -27.47
CA LEU A 65 -6.87 7.48 -27.05
C LEU A 65 -8.13 7.05 -27.78
N ARG A 66 -8.94 7.99 -28.25
CA ARG A 66 -10.11 7.61 -29.03
C ARG A 66 -9.73 7.05 -30.40
N LYS A 67 -8.71 7.63 -31.05
CA LYS A 67 -8.21 7.16 -32.35
C LYS A 67 -7.37 5.86 -32.24
N THR A 68 -7.46 5.11 -31.15
CA THR A 68 -6.74 3.85 -31.06
C THR A 68 -7.72 2.70 -31.27
N ARG A 69 -7.36 1.79 -32.16
CA ARG A 69 -8.17 0.62 -32.47
C ARG A 69 -7.27 -0.57 -32.85
N HIS A 70 -7.25 -1.58 -31.99
CA HIS A 70 -6.44 -2.76 -32.22
C HIS A 70 -7.13 -3.92 -31.53
N VAL A 71 -6.93 -5.13 -32.07
CA VAL A 71 -7.61 -6.31 -31.54
C VAL A 71 -7.19 -6.59 -30.11
N ASN A 72 -5.97 -6.18 -29.74
CA ASN A 72 -5.38 -6.41 -28.42
C ASN A 72 -5.39 -5.17 -27.54
N ILE A 73 -6.27 -4.22 -27.81
CA ILE A 73 -6.33 -2.95 -27.09
C ILE A 73 -7.78 -2.74 -26.69
N LEU A 74 -8.02 -2.58 -25.39
CA LEU A 74 -9.37 -2.28 -24.93
C LEU A 74 -9.82 -0.97 -25.54
N LEU A 75 -11.01 -0.97 -26.14
CA LEU A 75 -11.46 0.25 -26.78
C LEU A 75 -11.67 1.34 -25.76
N PHE A 76 -11.18 2.52 -26.07
CA PHE A 76 -11.43 3.69 -25.26
C PHE A 76 -12.68 4.38 -25.81
N MET A 77 -13.66 4.61 -24.94
CA MET A 77 -14.95 5.08 -25.43
C MET A 77 -15.17 6.55 -25.15
N GLY A 78 -14.30 7.18 -24.40
CA GLY A 78 -14.47 8.55 -23.98
C GLY A 78 -14.64 8.68 -22.47
N TYR A 79 -15.07 9.87 -22.08
CA TYR A 79 -15.05 10.25 -20.67
C TYR A 79 -16.30 11.03 -20.31
N SER A 80 -16.43 11.36 -19.04
CA SER A 80 -17.56 12.13 -18.55
C SER A 80 -17.08 12.92 -17.35
N THR A 81 -17.39 14.21 -17.34
CA THR A 81 -17.01 15.04 -16.22
C THR A 81 -18.19 15.43 -15.37
N LYS A 82 -19.28 14.71 -15.47
CA LYS A 82 -20.47 15.31 -14.91
C LYS A 82 -20.47 15.21 -13.38
N PRO A 83 -20.81 14.08 -12.76
CA PRO A 83 -20.81 14.09 -11.30
C PRO A 83 -19.39 14.24 -10.77
N GLN A 84 -18.52 13.35 -11.25
CA GLN A 84 -17.08 13.40 -11.05
C GLN A 84 -16.43 12.94 -12.34
N LEU A 85 -15.15 13.28 -12.50
CA LEU A 85 -14.38 12.86 -13.66
C LEU A 85 -14.31 11.33 -13.77
N ALA A 86 -14.43 10.82 -14.98
CA ALA A 86 -14.56 9.38 -15.16
C ALA A 86 -14.11 8.98 -16.56
N ILE A 87 -13.86 7.68 -16.72
CA ILE A 87 -13.36 7.10 -17.96
C ILE A 87 -14.27 5.94 -18.30
N VAL A 88 -14.69 5.87 -19.56
CA VAL A 88 -15.58 4.81 -20.00
C VAL A 88 -14.84 4.00 -21.06
N THR A 89 -14.60 2.73 -20.76
CA THR A 89 -13.87 1.85 -21.64
C THR A 89 -14.63 0.54 -21.76
N GLN A 90 -14.27 -0.22 -22.80
CA GLN A 90 -14.94 -1.47 -23.09
C GLN A 90 -14.93 -2.33 -21.84
N TRP A 91 -16.03 -3.05 -21.61
CA TRP A 91 -16.11 -3.99 -20.50
C TRP A 91 -15.60 -5.36 -20.92
N CYS A 92 -14.81 -5.97 -20.07
CA CYS A 92 -14.38 -7.28 -20.43
C CYS A 92 -14.99 -8.36 -19.55
N GLU A 93 -15.53 -9.37 -20.22
CA GLU A 93 -15.91 -10.62 -19.62
C GLU A 93 -14.67 -11.37 -19.17
N GLY A 94 -14.86 -12.24 -18.19
CA GLY A 94 -13.78 -13.09 -17.76
C GLY A 94 -12.65 -12.34 -17.06
N SER A 95 -11.61 -13.09 -16.72
CA SER A 95 -10.64 -12.66 -15.72
C SER A 95 -9.39 -12.04 -16.34
N SER A 96 -8.69 -11.23 -15.54
CA SER A 96 -7.44 -10.68 -16.00
C SER A 96 -6.35 -11.74 -15.95
N LEU A 97 -5.23 -11.44 -16.61
CA LEU A 97 -4.11 -12.34 -16.55
C LEU A 97 -3.65 -12.54 -15.13
N TYR A 98 -3.73 -11.48 -14.33
CA TYR A 98 -3.35 -11.60 -12.93
C TYR A 98 -4.22 -12.63 -12.25
N HIS A 99 -5.52 -12.57 -12.45
CA HIS A 99 -6.37 -13.58 -11.81
C HIS A 99 -6.03 -14.98 -12.30
N HIS A 100 -5.79 -15.15 -13.61
CA HIS A 100 -5.55 -16.48 -14.12
C HIS A 100 -4.28 -17.07 -13.56
N LEU A 101 -3.23 -16.26 -13.47
CA LEU A 101 -1.95 -16.80 -13.04
C LEU A 101 -1.88 -16.97 -11.54
N HIS A 102 -2.44 -16.03 -10.80
CA HIS A 102 -2.15 -15.93 -9.38
C HIS A 102 -3.34 -16.19 -8.48
N ILE A 103 -4.54 -16.31 -9.03
CA ILE A 103 -5.70 -16.55 -8.18
C ILE A 103 -6.37 -17.84 -8.61
N ILE A 104 -6.80 -17.90 -9.88
CA ILE A 104 -7.41 -19.13 -10.39
C ILE A 104 -6.40 -20.24 -10.57
N GLU A 105 -5.15 -19.89 -10.87
CA GLU A 105 -4.08 -20.85 -11.16
C GLU A 105 -4.45 -21.76 -12.34
N THR A 106 -5.01 -21.12 -13.38
CA THR A 106 -5.34 -21.75 -14.65
C THR A 106 -4.15 -22.49 -15.28
N LYS A 107 -4.39 -23.71 -15.75
CA LYS A 107 -3.31 -24.55 -16.24
C LYS A 107 -3.27 -24.47 -17.76
N PHE A 108 -2.69 -23.37 -18.25
CA PHE A 108 -2.48 -23.23 -19.68
C PHE A 108 -1.37 -24.16 -20.18
N GLU A 109 -1.58 -24.70 -21.37
CA GLU A 109 -0.49 -25.36 -22.05
C GLU A 109 0.58 -24.35 -22.40
N MET A 110 1.83 -24.80 -22.42
CA MET A 110 2.92 -23.86 -22.68
C MET A 110 2.79 -23.20 -24.04
N ILE A 111 2.07 -23.83 -24.97
CA ILE A 111 1.87 -23.24 -26.29
C ILE A 111 0.98 -22.01 -26.19
N LYS A 112 0.00 -22.04 -25.27
CA LYS A 112 -0.90 -20.90 -25.06
C LYS A 112 -0.23 -19.77 -24.26
N LEU A 113 0.59 -20.13 -23.27
CA LEU A 113 1.45 -19.15 -22.63
C LEU A 113 2.16 -18.33 -23.67
N ILE A 114 2.85 -18.99 -24.60
CA ILE A 114 3.61 -18.21 -25.58
C ILE A 114 2.67 -17.36 -26.42
N ASP A 115 1.46 -17.82 -26.63
CA ASP A 115 0.53 -17.07 -27.45
C ASP A 115 0.00 -15.84 -26.71
N ILE A 116 -0.24 -15.95 -25.40
CA ILE A 116 -0.54 -14.78 -24.59
C ILE A 116 0.55 -13.74 -24.68
N ALA A 117 1.83 -14.18 -24.62
CA ALA A 117 2.95 -13.28 -24.80
C ALA A 117 2.98 -12.67 -26.18
N ARG A 118 2.65 -13.45 -27.21
CA ARG A 118 2.71 -12.92 -28.55
C ARG A 118 1.68 -11.81 -28.74
N GLN A 119 0.43 -12.04 -28.32
CA GLN A 119 -0.60 -11.04 -28.58
C GLN A 119 -0.36 -9.79 -27.76
N THR A 120 0.27 -9.94 -26.61
CA THR A 120 0.54 -8.77 -25.80
C THR A 120 1.58 -7.89 -26.46
N ALA A 121 2.70 -8.47 -26.89
CA ALA A 121 3.64 -7.67 -27.63
C ALA A 121 2.97 -7.07 -28.84
N GLN A 122 2.18 -7.88 -29.55
CA GLN A 122 1.41 -7.41 -30.70
C GLN A 122 0.68 -6.11 -30.38
N GLY A 123 0.05 -6.08 -29.21
CA GLY A 123 -0.73 -4.91 -28.83
C GLY A 123 0.13 -3.77 -28.36
N MET A 124 1.20 -4.08 -27.63
CA MET A 124 2.12 -3.02 -27.22
C MET A 124 2.78 -2.40 -28.44
N ASP A 125 3.15 -3.24 -29.40
CA ASP A 125 3.80 -2.77 -30.60
C ASP A 125 2.95 -1.73 -31.32
N TYR A 126 1.62 -1.85 -31.22
CA TYR A 126 0.73 -0.85 -31.82
C TYR A 126 0.70 0.43 -31.02
N LEU A 127 0.64 0.34 -29.68
CA LEU A 127 0.66 1.57 -28.88
C LEU A 127 1.93 2.36 -29.11
N HIS A 128 3.08 1.68 -29.12
CA HIS A 128 4.34 2.35 -29.41
C HIS A 128 4.35 2.93 -30.83
N ALA A 129 3.78 2.21 -31.79
CA ALA A 129 3.68 2.71 -33.15
C ALA A 129 2.87 4.00 -33.20
N LYS A 130 1.85 4.12 -32.37
CA LYS A 130 1.15 5.38 -32.26
C LYS A 130 1.71 6.24 -31.13
N SER A 131 2.95 6.01 -30.74
CA SER A 131 3.69 6.82 -29.77
C SER A 131 2.88 7.03 -28.50
N ILE A 132 2.53 5.92 -27.88
CA ILE A 132 1.79 5.90 -26.64
C ILE A 132 2.58 5.05 -25.65
N ILE A 133 2.89 5.64 -24.49
CA ILE A 133 3.57 4.93 -23.42
C ILE A 133 2.54 4.46 -22.42
N HIS A 134 2.58 3.17 -22.13
CA HIS A 134 1.53 2.58 -21.31
C HIS A 134 1.59 3.13 -19.89
N ARG A 135 2.76 3.07 -19.26
CA ARG A 135 3.05 3.61 -17.95
C ARG A 135 2.54 2.69 -16.85
N ASP A 136 1.83 1.62 -17.17
CA ASP A 136 1.20 0.77 -16.19
C ASP A 136 0.95 -0.64 -16.72
N LEU A 137 1.85 -1.15 -17.54
CA LEU A 137 1.70 -2.50 -18.06
C LEU A 137 1.95 -3.53 -16.96
N LYS A 138 0.96 -4.37 -16.69
CA LYS A 138 1.04 -5.41 -15.69
C LYS A 138 -0.05 -6.42 -16.02
N SER A 139 0.07 -7.63 -15.47
CA SER A 139 -0.93 -8.64 -15.79
C SER A 139 -2.33 -8.24 -15.29
N ASN A 140 -2.43 -7.31 -14.35
CA ASN A 140 -3.76 -6.86 -13.94
C ASN A 140 -4.47 -6.09 -15.05
N ASN A 141 -3.70 -5.50 -15.97
CA ASN A 141 -4.20 -4.68 -17.08
C ASN A 141 -4.18 -5.43 -18.40
N ILE A 142 -4.16 -6.76 -18.34
CA ILE A 142 -4.27 -7.62 -19.49
C ILE A 142 -5.42 -8.58 -19.22
N PHE A 143 -6.47 -8.50 -20.03
CA PHE A 143 -7.60 -9.42 -19.93
C PHE A 143 -7.59 -10.44 -21.06
N LEU A 144 -8.31 -11.53 -20.87
CA LEU A 144 -8.40 -12.61 -21.85
C LEU A 144 -9.84 -12.78 -22.33
N HIS A 145 -10.19 -12.10 -23.43
CA HIS A 145 -11.58 -12.00 -23.86
C HIS A 145 -11.99 -13.34 -24.44
N GLU A 146 -13.00 -13.96 -23.83
CA GLU A 146 -13.53 -15.26 -24.27
C GLU A 146 -12.49 -16.37 -24.14
N ASP A 147 -11.55 -16.19 -23.20
CA ASP A 147 -10.41 -17.10 -23.00
C ASP A 147 -9.59 -17.29 -24.29
N LEU A 148 -9.44 -16.24 -25.06
CA LEU A 148 -8.80 -16.39 -26.36
C LEU A 148 -7.87 -15.22 -26.56
N THR A 149 -8.44 -14.15 -27.11
CA THR A 149 -7.71 -12.96 -27.45
C THR A 149 -7.27 -12.24 -26.19
N VAL A 150 -6.07 -11.60 -26.28
CA VAL A 150 -5.52 -10.71 -25.26
C VAL A 150 -5.99 -9.29 -25.54
N LYS A 151 -6.24 -8.56 -24.45
CA LYS A 151 -6.75 -7.19 -24.48
C LYS A 151 -6.04 -6.40 -23.39
N ILE A 152 -5.35 -5.34 -23.79
CA ILE A 152 -4.58 -4.48 -22.90
C ILE A 152 -5.41 -3.26 -22.54
N GLY A 153 -5.60 -2.98 -21.25
CA GLY A 153 -6.28 -1.78 -20.81
C GLY A 153 -5.36 -0.85 -20.04
N ASP A 154 -5.97 0.23 -19.51
CA ASP A 154 -5.30 1.20 -18.61
C ASP A 154 -4.01 1.77 -19.21
N PHE A 155 -3.97 1.94 -20.52
CA PHE A 155 -2.79 2.51 -21.15
C PHE A 155 -2.89 4.04 -21.16
N GLY A 156 -1.73 4.68 -21.28
CA GLY A 156 -1.61 6.13 -21.32
C GLY A 156 -2.09 6.86 -20.06
N LEU A 157 -2.82 7.96 -20.28
CA LEU A 157 -3.53 8.69 -19.24
C LEU A 157 -2.59 9.34 -18.24
N ALA A 158 -1.41 9.75 -18.70
CA ALA A 158 -0.41 10.32 -17.81
C ALA A 158 -0.97 11.48 -17.00
N THR A 159 -1.89 12.23 -17.57
CA THR A 159 -2.29 13.48 -16.96
C THR A 159 -3.17 13.28 -15.73
N VAL A 160 -3.90 12.17 -15.64
CA VAL A 160 -4.76 11.94 -14.48
C VAL A 160 -4.17 10.94 -13.51
N LYS A 161 -3.01 10.37 -13.82
CA LYS A 161 -2.30 9.46 -12.94
C LYS A 161 -1.33 10.20 -12.02
N SER A 162 -0.90 11.39 -12.42
CA SER A 162 0.04 12.22 -11.69
C SER A 162 -0.61 13.56 -11.40
N ARG A 163 -1.26 13.68 -10.23
CA ARG A 163 -1.99 14.90 -9.87
C ARG A 163 -1.10 16.12 -10.05
N TRP A 164 -1.73 17.25 -10.43
CA TRP A 164 -1.06 18.50 -10.75
C TRP A 164 -1.06 19.47 -9.56
N SER A 165 -0.32 20.57 -9.73
CA SER A 165 -0.35 21.72 -8.83
C SER A 165 -1.07 22.94 -9.41
N GLY A 166 -0.98 23.16 -10.72
CA GLY A 166 -1.73 24.22 -11.37
C GLY A 166 -1.41 24.25 -12.85
N SER A 167 -0.10 24.16 -13.14
CA SER A 167 0.35 23.99 -14.51
C SER A 167 1.55 23.07 -14.59
N HIS A 168 1.75 22.20 -13.61
CA HIS A 168 2.94 21.36 -13.50
C HIS A 168 2.47 19.92 -13.29
N GLN A 169 2.59 19.07 -14.32
CA GLN A 169 2.35 17.64 -14.12
C GLN A 169 3.67 16.98 -13.74
N PHE A 170 3.73 16.45 -12.52
CA PHE A 170 4.92 15.75 -12.02
C PHE A 170 4.53 14.39 -11.45
N GLU A 171 4.97 13.32 -12.11
CA GLU A 171 4.58 11.99 -11.64
C GLU A 171 5.15 11.77 -10.25
N GLN A 172 4.29 11.86 -9.23
CA GLN A 172 4.63 11.45 -7.86
C GLN A 172 4.85 9.94 -7.84
N LEU A 173 4.60 9.26 -8.97
CA LEU A 173 4.82 7.82 -9.12
C LEU A 173 3.76 7.04 -8.39
N SER A 174 2.86 6.41 -9.13
CA SER A 174 1.98 5.43 -8.52
C SER A 174 1.88 4.23 -9.45
N GLY A 175 1.25 3.18 -8.95
CA GLY A 175 1.19 1.91 -9.64
C GLY A 175 1.69 0.80 -8.74
N SER A 176 1.55 -0.42 -9.23
CA SER A 176 2.14 -1.53 -8.49
C SER A 176 3.63 -1.56 -8.77
N ILE A 177 4.41 -1.77 -7.70
CA ILE A 177 5.86 -1.57 -7.79
C ILE A 177 6.59 -2.69 -8.52
N LEU A 178 6.00 -3.89 -8.60
CA LEU A 178 6.68 -5.06 -9.17
C LEU A 178 7.03 -4.91 -10.64
N TRP A 179 6.29 -4.09 -11.39
CA TRP A 179 6.53 -3.92 -12.83
C TRP A 179 7.28 -2.63 -13.15
N MET A 180 7.65 -1.85 -12.15
CA MET A 180 8.31 -0.60 -12.44
C MET A 180 9.78 -0.83 -12.73
N ALA A 181 10.22 -0.30 -13.87
CA ALA A 181 11.62 -0.25 -14.20
C ALA A 181 12.37 0.62 -13.19
N PRO A 182 13.65 0.32 -12.95
CA PRO A 182 14.40 1.07 -11.93
C PRO A 182 14.39 2.55 -12.18
N GLU A 183 14.69 2.99 -13.40
CA GLU A 183 14.72 4.41 -13.68
C GLU A 183 13.38 5.04 -13.36
N VAL A 184 12.29 4.30 -13.59
CA VAL A 184 10.98 4.77 -13.16
C VAL A 184 10.96 4.89 -11.65
N ILE A 185 11.43 3.84 -10.98
CA ILE A 185 11.43 3.83 -9.52
C ILE A 185 12.08 5.09 -9.00
N ARG A 186 13.29 5.38 -9.49
CA ARG A 186 14.06 6.50 -8.93
C ARG A 186 13.37 7.82 -9.16
N MET A 187 12.76 7.99 -10.33
CA MET A 187 12.04 9.22 -10.70
C MET A 187 12.99 10.40 -10.78
N GLN A 188 14.17 10.17 -11.32
CA GLN A 188 15.11 11.28 -11.39
C GLN A 188 15.55 11.60 -12.80
N ASP A 189 15.68 10.58 -13.65
CA ASP A 189 16.38 10.73 -14.94
C ASP A 189 15.44 11.37 -15.97
N LYS A 190 15.03 12.61 -15.67
CA LYS A 190 14.18 13.45 -16.54
C LYS A 190 12.80 12.82 -16.62
N ASN A 191 12.28 12.55 -17.81
CA ASN A 191 11.10 11.76 -18.09
C ASN A 191 11.40 10.26 -17.92
N PRO A 192 10.92 9.65 -16.84
CA PRO A 192 11.38 8.29 -16.50
C PRO A 192 10.61 7.25 -17.29
N TYR A 193 9.35 7.58 -17.56
CA TYR A 193 8.48 6.73 -18.35
C TYR A 193 8.86 6.83 -19.82
N SER A 194 9.06 5.68 -20.45
CA SER A 194 9.59 5.59 -21.81
C SER A 194 9.21 4.24 -22.38
N PHE A 195 9.41 4.08 -23.69
CA PHE A 195 9.13 2.78 -24.31
C PHE A 195 9.81 1.66 -23.54
N GLN A 196 11.09 1.85 -23.19
CA GLN A 196 11.80 0.79 -22.50
C GLN A 196 11.28 0.55 -21.10
N SER A 197 10.66 1.55 -20.47
CA SER A 197 10.06 1.27 -19.17
C SER A 197 8.88 0.33 -19.34
N ASP A 198 8.18 0.42 -20.47
CA ASP A 198 7.12 -0.54 -20.74
C ASP A 198 7.70 -1.90 -21.07
N VAL A 199 8.73 -1.94 -21.91
CA VAL A 199 9.45 -3.17 -22.20
C VAL A 199 9.88 -3.85 -20.90
N TYR A 200 10.35 -3.07 -19.93
CA TYR A 200 10.72 -3.67 -18.66
C TYR A 200 9.52 -4.32 -17.99
N ALA A 201 8.38 -3.61 -17.97
CA ALA A 201 7.16 -4.16 -17.38
C ALA A 201 6.76 -5.41 -18.11
N PHE A 202 6.80 -5.36 -19.43
CA PHE A 202 6.55 -6.52 -20.26
C PHE A 202 7.43 -7.69 -19.84
N GLY A 203 8.72 -7.41 -19.60
CA GLY A 203 9.59 -8.45 -19.07
C GLY A 203 9.08 -9.05 -17.79
N ILE A 204 8.66 -8.21 -16.83
CA ILE A 204 8.12 -8.74 -15.58
C ILE A 204 6.93 -9.64 -15.87
N VAL A 205 6.12 -9.27 -16.85
CA VAL A 205 4.97 -10.10 -17.22
C VAL A 205 5.42 -11.45 -17.75
N LEU A 206 6.43 -11.45 -18.62
CA LEU A 206 7.06 -12.71 -19.04
C LEU A 206 7.45 -13.55 -17.82
N TYR A 207 8.17 -12.93 -16.88
CA TYR A 207 8.50 -13.62 -15.64
C TYR A 207 7.26 -14.27 -15.02
N GLU A 208 6.11 -13.57 -15.06
CA GLU A 208 4.88 -14.15 -14.57
C GLU A 208 4.52 -15.41 -15.35
N LEU A 209 4.49 -15.31 -16.67
CA LEU A 209 4.07 -16.42 -17.50
C LEU A 209 5.03 -17.61 -17.39
N MET A 210 6.33 -17.34 -17.44
CA MET A 210 7.30 -18.42 -17.40
C MET A 210 7.44 -19.08 -16.02
N THR A 211 7.12 -18.39 -14.93
CA THR A 211 7.31 -18.97 -13.62
C THR A 211 6.02 -19.21 -12.83
N GLY A 212 4.90 -18.62 -13.22
CA GLY A 212 3.67 -18.83 -12.45
C GLY A 212 3.73 -18.13 -11.13
N GLN A 213 4.76 -17.31 -10.95
CA GLN A 213 4.99 -16.53 -9.75
C GLN A 213 5.16 -15.07 -10.09
N LEU A 214 4.85 -14.22 -9.08
CA LEU A 214 5.29 -12.82 -9.10
C LEU A 214 6.75 -12.77 -8.73
N PRO A 215 7.43 -11.71 -9.14
CA PRO A 215 8.85 -11.59 -8.84
C PRO A 215 9.04 -11.27 -7.38
N TYR A 216 10.28 -11.39 -6.93
CA TYR A 216 10.64 -11.15 -5.54
C TYR A 216 9.67 -11.86 -4.59
N SER A 217 9.63 -13.19 -4.75
CA SER A 217 8.78 -14.03 -3.94
C SER A 217 9.27 -14.15 -2.51
N ASN A 218 10.55 -13.92 -2.25
CA ASN A 218 11.12 -14.01 -0.91
C ASN A 218 11.30 -12.65 -0.24
N ILE A 219 10.83 -11.56 -0.84
CA ILE A 219 10.87 -10.23 -0.25
C ILE A 219 9.44 -9.87 0.09
N ASN A 220 9.20 -9.51 1.34
CA ASN A 220 7.84 -9.19 1.75
C ASN A 220 7.80 -7.84 2.43
N ASN A 221 8.37 -6.85 1.76
CA ASN A 221 8.52 -5.51 2.31
C ASN A 221 8.45 -4.59 1.11
N ARG A 222 7.41 -3.77 1.04
CA ARG A 222 7.24 -2.91 -0.11
C ARG A 222 8.44 -1.99 -0.29
N ASP A 223 8.79 -1.23 0.77
CA ASP A 223 9.84 -0.22 0.61
C ASP A 223 11.20 -0.87 0.35
N GLN A 224 11.44 -2.05 0.91
CA GLN A 224 12.68 -2.80 0.61
C GLN A 224 12.82 -3.10 -0.89
N ILE A 225 11.71 -3.41 -1.58
CA ILE A 225 11.79 -3.64 -3.02
C ILE A 225 12.06 -2.34 -3.74
N ILE A 226 11.36 -1.29 -3.34
CA ILE A 226 11.49 0.00 -4.00
C ILE A 226 12.91 0.48 -3.92
N PHE A 227 13.53 0.37 -2.73
CA PHE A 227 14.90 0.84 -2.59
C PHE A 227 15.86 -0.06 -3.36
N MET A 228 15.74 -1.36 -3.19
CA MET A 228 16.74 -2.25 -3.80
C MET A 228 16.57 -2.33 -5.32
N VAL A 229 15.35 -2.37 -5.83
CA VAL A 229 15.24 -2.38 -7.29
C VAL A 229 15.72 -1.05 -7.84
N GLY A 230 15.39 0.05 -7.15
CA GLY A 230 15.77 1.36 -7.63
C GLY A 230 17.26 1.62 -7.53
N ARG A 231 17.93 1.02 -6.54
CA ARG A 231 19.37 1.09 -6.38
C ARG A 231 20.11 0.05 -7.19
N GLY A 232 19.44 -0.68 -8.08
CA GLY A 232 20.11 -1.72 -8.83
C GLY A 232 20.55 -2.94 -8.03
N TYR A 233 20.20 -3.06 -6.75
CA TYR A 233 20.59 -4.20 -5.93
C TYR A 233 19.64 -5.38 -6.08
N LEU A 234 18.47 -5.18 -6.65
CA LEU A 234 17.47 -6.24 -6.68
C LEU A 234 16.99 -6.42 -8.10
N SER A 235 16.78 -7.69 -8.44
CA SER A 235 16.56 -8.19 -9.76
C SER A 235 15.70 -9.42 -9.60
N PRO A 236 14.74 -9.65 -10.52
CA PRO A 236 13.94 -10.88 -10.44
C PRO A 236 14.83 -12.09 -10.57
N ASP A 237 14.58 -13.09 -9.71
CA ASP A 237 15.33 -14.35 -9.73
C ASP A 237 14.88 -15.24 -10.89
N LEU A 238 15.69 -15.29 -11.96
CA LEU A 238 15.34 -16.03 -13.16
C LEU A 238 15.48 -17.54 -13.00
N SER A 239 16.11 -18.00 -11.91
CA SER A 239 16.10 -19.42 -11.57
C SER A 239 14.70 -19.99 -11.62
N LYS A 240 13.71 -19.23 -11.13
CA LYS A 240 12.36 -19.70 -10.94
C LYS A 240 11.64 -20.06 -12.25
N VAL A 241 12.30 -19.91 -13.41
CA VAL A 241 11.67 -20.21 -14.70
C VAL A 241 11.45 -21.71 -14.84
N ARG A 242 10.22 -22.09 -15.13
CA ARG A 242 9.88 -23.50 -15.08
C ARG A 242 10.64 -24.26 -16.16
N SER A 243 10.77 -25.56 -15.92
CA SER A 243 11.71 -26.37 -16.69
C SER A 243 11.30 -26.53 -18.13
N ASN A 244 9.99 -26.55 -18.43
CA ASN A 244 9.51 -26.73 -19.79
C ASN A 244 9.39 -25.42 -20.57
N CYS A 245 10.25 -24.44 -20.28
CA CYS A 245 10.18 -23.17 -20.98
C CYS A 245 11.28 -23.01 -22.01
N PRO A 246 10.94 -22.49 -23.21
CA PRO A 246 12.02 -22.34 -24.21
C PRO A 246 13.19 -21.48 -23.76
N LYS A 247 14.38 -22.00 -24.06
CA LYS A 247 15.61 -21.25 -23.86
C LYS A 247 15.56 -19.93 -24.62
N ALA A 248 15.07 -19.95 -25.86
CA ALA A 248 14.99 -18.73 -26.67
C ALA A 248 14.10 -17.70 -25.99
N MET A 249 13.17 -18.16 -25.15
CA MET A 249 12.22 -17.30 -24.45
C MET A 249 12.87 -16.67 -23.22
N LYS A 250 13.46 -17.51 -22.37
CA LYS A 250 14.15 -17.01 -21.19
C LYS A 250 15.18 -15.95 -21.55
N ARG A 251 15.87 -16.11 -22.69
CA ARG A 251 16.84 -15.08 -23.07
C ARG A 251 16.12 -13.82 -23.49
N LEU A 252 14.90 -13.93 -24.03
CA LEU A 252 14.16 -12.73 -24.37
C LEU A 252 13.71 -12.00 -23.12
N MET A 253 13.28 -12.75 -22.10
CA MET A 253 12.86 -12.11 -20.87
C MET A 253 13.99 -11.29 -20.28
N ALA A 254 15.23 -11.80 -20.36
CA ALA A 254 16.34 -11.12 -19.70
C ALA A 254 16.74 -9.85 -20.44
N GLU A 255 16.52 -9.79 -21.75
CA GLU A 255 16.79 -8.57 -22.49
C GLU A 255 15.84 -7.44 -22.10
N CYS A 256 14.59 -7.75 -21.76
CA CYS A 256 13.66 -6.69 -21.40
C CYS A 256 13.94 -6.16 -20.02
N LEU A 257 14.52 -6.98 -19.15
CA LEU A 257 14.72 -6.63 -17.76
C LEU A 257 16.06 -5.94 -17.49
N LYS A 258 16.82 -5.58 -18.53
CA LYS A 258 18.11 -4.95 -18.31
C LYS A 258 18.00 -3.74 -17.40
N LYS A 259 18.92 -3.64 -16.43
CA LYS A 259 18.79 -2.57 -15.45
C LYS A 259 18.92 -1.21 -16.11
N LYS A 260 19.83 -1.10 -17.08
CA LYS A 260 19.96 0.12 -17.85
C LYS A 260 18.99 0.07 -19.01
N ARG A 261 18.17 1.11 -19.14
CA ARG A 261 17.04 1.06 -20.08
C ARG A 261 17.50 0.96 -21.51
N ASP A 262 18.60 1.64 -21.83
CA ASP A 262 19.10 1.68 -23.21
C ASP A 262 19.49 0.29 -23.72
N GLU A 263 19.75 -0.67 -22.85
CA GLU A 263 20.05 -1.98 -23.40
C GLU A 263 18.80 -2.77 -23.76
N ARG A 264 17.62 -2.31 -23.33
CA ARG A 264 16.42 -3.10 -23.58
C ARG A 264 15.99 -2.98 -25.04
N PRO A 265 15.50 -4.07 -25.63
CA PRO A 265 14.90 -3.99 -26.97
C PRO A 265 13.58 -3.23 -27.00
N LEU A 266 13.20 -2.88 -28.22
CA LEU A 266 11.91 -2.28 -28.52
C LEU A 266 10.96 -3.35 -29.04
N PHE A 267 9.69 -3.00 -29.08
CA PHE A 267 8.75 -4.09 -29.36
C PHE A 267 8.80 -4.65 -30.77
N PRO A 268 9.17 -3.87 -31.79
CA PRO A 268 9.41 -4.50 -33.10
C PRO A 268 10.31 -5.72 -32.99
N GLN A 269 11.49 -5.60 -32.37
CA GLN A 269 12.36 -6.76 -32.20
C GLN A 269 11.75 -7.81 -31.29
N ILE A 270 10.99 -7.39 -30.26
CA ILE A 270 10.49 -8.31 -29.25
C ILE A 270 9.46 -9.25 -29.87
N LEU A 271 8.44 -8.65 -30.47
CA LEU A 271 7.43 -9.42 -31.17
C LEU A 271 8.07 -10.37 -32.19
N ALA A 272 9.09 -9.89 -32.90
CA ALA A 272 9.83 -10.74 -33.82
C ALA A 272 10.28 -12.01 -33.12
N SER A 273 10.95 -11.85 -31.97
CA SER A 273 11.57 -12.99 -31.31
C SER A 273 10.53 -14.04 -30.92
N ILE A 274 9.32 -13.59 -30.57
CA ILE A 274 8.33 -14.52 -30.04
C ILE A 274 7.70 -15.33 -31.14
N GLU A 275 7.44 -14.68 -32.28
CA GLU A 275 6.90 -15.42 -33.42
C GLU A 275 7.89 -16.45 -33.91
N LEU A 276 9.18 -16.08 -33.99
CA LEU A 276 10.20 -17.03 -34.41
C LEU A 276 10.16 -18.28 -33.55
N LEU A 277 10.13 -18.12 -32.24
CA LEU A 277 10.16 -19.30 -31.41
C LEU A 277 8.78 -19.91 -31.29
N ALA A 278 7.76 -19.20 -31.76
CA ALA A 278 6.40 -19.74 -31.78
C ALA A 278 6.24 -20.78 -32.86
N ARG A 279 6.63 -20.41 -34.10
CA ARG A 279 6.65 -21.33 -35.23
C ARG A 279 7.45 -22.56 -34.84
N SER A 280 8.77 -22.43 -34.99
CA SER A 280 9.68 -23.50 -34.62
C SER A 280 9.45 -23.94 -33.18
N LEU A 281 8.45 -24.80 -32.95
CA LEU A 281 8.29 -25.33 -31.60
C LEU A 281 7.66 -26.72 -31.64
N PRO A 282 6.37 -26.91 -32.06
CA PRO A 282 5.91 -28.29 -31.90
C PRO A 282 6.18 -29.18 -33.13
N ASP B 47 -2.25 -3.40 36.64
CA ASP B 47 -2.62 -3.04 37.99
C ASP B 47 -4.06 -3.47 38.17
N GLU B 48 -4.79 -2.73 39.02
CA GLU B 48 -6.16 -3.11 39.34
C GLU B 48 -7.16 -2.60 38.31
N GLN B 49 -7.09 -1.32 37.95
CA GLN B 49 -8.00 -0.79 36.94
C GLN B 49 -7.80 -1.42 35.58
N GLN B 50 -6.56 -1.84 35.26
CA GLN B 50 -6.29 -2.56 34.02
C GLN B 50 -6.85 -3.97 34.08
N ARG B 51 -6.65 -4.67 35.20
CA ARG B 51 -7.17 -6.02 35.30
C ARG B 51 -8.69 -6.02 35.21
N LYS B 52 -9.34 -5.05 35.85
CA LYS B 52 -10.78 -4.84 35.66
C LYS B 52 -11.13 -4.75 34.18
N ARG B 53 -10.47 -3.83 33.46
CA ARG B 53 -10.79 -3.57 32.05
C ARG B 53 -10.49 -4.77 31.16
N LEU B 54 -9.34 -5.41 31.35
CA LEU B 54 -9.02 -6.59 30.57
C LEU B 54 -10.05 -7.68 30.77
N GLU B 55 -10.40 -7.96 32.03
CA GLU B 55 -11.38 -9.01 32.30
C GLU B 55 -12.77 -8.61 31.80
N ALA B 56 -13.07 -7.32 31.79
CA ALA B 56 -14.37 -6.87 31.29
C ALA B 56 -14.50 -7.08 29.78
N PHE B 57 -13.37 -7.07 29.08
CA PHE B 57 -13.40 -7.29 27.63
C PHE B 57 -13.74 -8.73 27.31
N LEU B 58 -12.99 -9.67 27.91
CA LEU B 58 -13.26 -11.09 27.72
C LEU B 58 -14.72 -11.43 28.02
N THR B 59 -15.30 -10.73 28.99
CA THR B 59 -16.72 -10.87 29.28
C THR B 59 -17.56 -10.52 28.05
N GLN B 60 -17.42 -9.30 27.53
CA GLN B 60 -18.18 -8.92 26.34
C GLN B 60 -17.81 -9.74 25.13
N LYS B 61 -16.64 -10.38 25.13
CA LYS B 61 -16.20 -11.16 23.98
C LYS B 61 -16.90 -12.51 23.92
N GLN B 62 -17.14 -13.13 25.08
CA GLN B 62 -17.89 -14.38 25.08
C GLN B 62 -19.31 -14.19 24.55
N LYS B 63 -19.89 -13.00 24.70
CA LYS B 63 -21.25 -12.74 24.19
C LYS B 63 -21.30 -12.71 22.67
N VAL B 64 -20.16 -12.74 21.99
CA VAL B 64 -20.11 -12.76 20.54
C VAL B 64 -19.76 -14.17 20.09
N GLY B 65 -20.56 -14.74 19.20
CA GLY B 65 -20.26 -16.06 18.71
C GLY B 65 -19.61 -16.07 17.35
N GLU B 66 -20.14 -16.90 16.45
CA GLU B 66 -19.70 -16.84 15.06
C GLU B 66 -19.95 -15.44 14.53
N LEU B 67 -19.02 -14.94 13.74
CA LEU B 67 -19.14 -13.60 13.18
C LEU B 67 -19.58 -13.70 11.72
N LYS B 68 -20.87 -13.48 11.45
CA LYS B 68 -21.40 -13.48 10.08
C LYS B 68 -21.62 -12.07 9.58
N ASP B 69 -21.49 -11.88 8.26
CA ASP B 69 -21.63 -10.55 7.68
C ASP B 69 -23.02 -9.95 7.86
N ASP B 70 -24.06 -10.79 7.97
CA ASP B 70 -25.39 -10.24 8.15
C ASP B 70 -25.66 -9.74 9.55
N ASP B 71 -24.77 -10.04 10.50
CA ASP B 71 -25.00 -9.62 11.88
C ASP B 71 -24.56 -8.18 12.16
N PHE B 72 -24.09 -7.43 11.15
CA PHE B 72 -23.51 -6.10 11.33
C PHE B 72 -24.33 -5.03 10.64
N GLU B 73 -24.54 -3.91 11.35
CA GLU B 73 -25.14 -2.72 10.79
C GLU B 73 -24.12 -1.56 10.82
N LYS B 74 -23.87 -1.01 9.64
CA LYS B 74 -22.90 0.06 9.43
C LYS B 74 -23.39 1.39 9.97
N ILE B 75 -22.60 1.99 10.87
CA ILE B 75 -22.90 3.28 11.50
C ILE B 75 -22.17 4.41 10.77
N SER B 76 -20.85 4.46 10.89
CA SER B 76 -20.09 5.56 10.32
C SER B 76 -18.77 5.02 9.84
N GLU B 77 -18.14 5.74 8.91
CA GLU B 77 -16.77 5.44 8.53
C GLU B 77 -15.79 6.02 9.54
N LEU B 78 -14.69 5.29 9.78
CA LEU B 78 -13.67 5.74 10.71
C LEU B 78 -12.39 6.17 10.04
N GLY B 79 -12.08 5.64 8.89
CA GLY B 79 -10.86 5.99 8.22
C GLY B 79 -10.56 5.04 7.11
N ALA B 80 -9.54 5.40 6.34
CA ALA B 80 -9.13 4.50 5.28
C ALA B 80 -7.66 4.70 5.02
N GLY B 81 -7.03 3.63 4.50
CA GLY B 81 -5.63 3.68 4.12
C GLY B 81 -5.44 3.14 2.73
N ASN B 82 -4.19 2.84 2.36
CA ASN B 82 -3.90 2.21 1.07
C ASN B 82 -3.69 0.71 1.27
N GLY B 83 -4.82 0.06 1.57
CA GLY B 83 -4.86 -1.36 1.86
C GLY B 83 -6.18 -1.80 2.48
N GLY B 84 -6.86 -0.89 3.18
CA GLY B 84 -8.10 -1.26 3.86
C GLY B 84 -8.96 -0.07 4.22
N VAL B 85 -10.19 -0.35 4.65
CA VAL B 85 -11.12 0.69 5.05
C VAL B 85 -11.79 0.25 6.34
N VAL B 86 -11.98 1.16 7.28
CA VAL B 86 -12.46 0.75 8.60
C VAL B 86 -13.79 1.43 8.91
N PHE B 87 -14.73 0.68 9.50
CA PHE B 87 -16.05 1.19 9.83
C PHE B 87 -16.40 0.98 11.29
N LYS B 88 -17.14 1.93 11.87
CA LYS B 88 -17.74 1.73 13.18
C LYS B 88 -19.04 1.01 12.93
N VAL B 89 -19.28 -0.09 13.66
CA VAL B 89 -20.40 -0.98 13.33
C VAL B 89 -20.98 -1.54 14.61
N SER B 90 -22.23 -1.97 14.53
CA SER B 90 -22.89 -2.57 15.68
C SER B 90 -23.20 -4.04 15.36
N HIS B 91 -22.72 -4.95 16.21
CA HIS B 91 -23.00 -6.38 16.11
C HIS B 91 -24.35 -6.68 16.71
N LYS B 92 -25.36 -6.79 15.85
CA LYS B 92 -26.74 -7.04 16.27
C LYS B 92 -26.91 -8.15 17.30
N PRO B 93 -26.44 -9.39 17.10
CA PRO B 93 -26.67 -10.42 18.12
C PRO B 93 -26.23 -10.01 19.52
N SER B 94 -25.21 -9.16 19.66
CA SER B 94 -24.60 -8.89 20.96
C SER B 94 -24.65 -7.42 21.34
N GLY B 95 -25.20 -6.56 20.48
CA GLY B 95 -25.31 -5.16 20.75
C GLY B 95 -24.01 -4.41 20.86
N LEU B 96 -22.88 -5.10 20.98
CA LEU B 96 -21.60 -4.41 21.03
C LEU B 96 -21.42 -3.50 19.84
N VAL B 97 -20.47 -2.60 19.98
CA VAL B 97 -20.02 -1.74 18.91
C VAL B 97 -18.54 -1.94 18.74
N MET B 98 -18.13 -2.25 17.53
CA MET B 98 -16.75 -2.61 17.23
C MET B 98 -16.28 -1.79 16.05
N ALA B 99 -15.00 -1.85 15.78
CA ALA B 99 -14.52 -1.41 14.48
C ALA B 99 -14.28 -2.63 13.60
N ARG B 100 -14.53 -2.47 12.31
CA ARG B 100 -14.43 -3.56 11.34
C ARG B 100 -13.56 -3.08 10.19
N LYS B 101 -12.31 -3.52 10.17
CA LYS B 101 -11.44 -3.23 9.05
C LYS B 101 -11.75 -4.21 7.93
N LEU B 102 -11.79 -3.72 6.70
CA LEU B 102 -12.05 -4.57 5.56
C LEU B 102 -10.88 -4.45 4.61
N ILE B 103 -10.07 -5.50 4.54
CA ILE B 103 -8.98 -5.57 3.58
C ILE B 103 -9.48 -6.29 2.35
N HIS B 104 -9.28 -5.69 1.19
CA HIS B 104 -9.66 -6.33 -0.05
C HIS B 104 -8.38 -6.76 -0.76
N LEU B 105 -8.06 -8.03 -0.65
CA LEU B 105 -6.93 -8.62 -1.36
C LEU B 105 -7.42 -9.48 -2.50
N GLU B 106 -6.67 -9.45 -3.60
CA GLU B 106 -6.85 -10.39 -4.70
C GLU B 106 -5.73 -11.43 -4.55
N ILE B 107 -6.00 -12.45 -3.73
CA ILE B 107 -5.09 -13.56 -3.58
C ILE B 107 -5.84 -14.87 -3.84
N LYS B 108 -5.08 -15.94 -4.07
CA LYS B 108 -5.69 -17.23 -4.32
C LYS B 108 -6.30 -17.76 -3.02
N PRO B 109 -7.41 -18.50 -3.11
CA PRO B 109 -8.12 -18.89 -1.90
C PRO B 109 -7.32 -19.73 -0.95
N ALA B 110 -6.34 -20.49 -1.43
CA ALA B 110 -5.52 -21.27 -0.51
C ALA B 110 -4.80 -20.34 0.47
N ILE B 111 -4.20 -19.26 -0.06
CA ILE B 111 -3.48 -18.31 0.75
C ILE B 111 -4.43 -17.57 1.67
N ARG B 112 -5.52 -17.04 1.12
CA ARG B 112 -6.51 -16.37 1.93
C ARG B 112 -6.97 -17.22 3.12
N ASN B 113 -7.17 -18.53 2.94
CA ASN B 113 -7.69 -19.30 4.07
C ASN B 113 -6.64 -19.48 5.15
N GLN B 114 -5.38 -19.50 4.78
CA GLN B 114 -4.34 -19.51 5.78
C GLN B 114 -4.25 -18.16 6.50
N ILE B 115 -4.54 -17.08 5.81
CA ILE B 115 -4.52 -15.76 6.44
C ILE B 115 -5.53 -15.72 7.58
N ILE B 116 -6.81 -15.94 7.26
CA ILE B 116 -7.84 -16.04 8.28
C ILE B 116 -7.40 -16.94 9.42
N ARG B 117 -6.83 -18.10 9.09
CA ARG B 117 -6.43 -19.04 10.13
C ARG B 117 -5.34 -18.44 11.00
N GLU B 118 -4.37 -17.76 10.39
CA GLU B 118 -3.28 -17.17 11.16
C GLU B 118 -3.77 -15.99 12.02
N LEU B 119 -4.71 -15.20 11.52
CA LEU B 119 -5.24 -14.08 12.29
C LEU B 119 -5.90 -14.54 13.58
N GLN B 120 -6.18 -15.82 13.75
CA GLN B 120 -6.90 -16.21 14.95
C GLN B 120 -5.97 -16.26 16.15
N VAL B 121 -4.66 -16.11 15.96
CA VAL B 121 -3.76 -15.92 17.08
C VAL B 121 -4.16 -14.66 17.85
N LEU B 122 -4.82 -13.72 17.18
CA LEU B 122 -5.20 -12.49 17.84
C LEU B 122 -6.17 -12.72 18.98
N HIS B 123 -6.83 -13.87 19.05
CA HIS B 123 -7.60 -14.17 20.25
C HIS B 123 -6.71 -14.39 21.47
N GLU B 124 -5.40 -14.61 21.28
CA GLU B 124 -4.48 -14.74 22.40
C GLU B 124 -3.92 -13.41 22.88
N CYS B 125 -3.76 -12.41 22.02
CA CYS B 125 -3.27 -11.10 22.50
C CYS B 125 -4.31 -10.51 23.42
N ASN B 126 -4.01 -10.52 24.72
CA ASN B 126 -4.84 -9.82 25.71
C ASN B 126 -3.90 -8.98 26.60
N SER B 127 -3.84 -7.69 26.30
CA SER B 127 -3.00 -6.71 26.97
C SER B 127 -3.74 -5.38 26.99
N PRO B 128 -3.46 -4.54 27.97
CA PRO B 128 -3.96 -3.16 27.94
C PRO B 128 -3.24 -2.29 26.93
N TYR B 129 -2.20 -2.78 26.29
CA TYR B 129 -1.49 -2.01 25.28
C TYR B 129 -1.69 -2.59 23.88
N ILE B 130 -2.59 -3.56 23.73
CA ILE B 130 -2.89 -4.13 22.42
C ILE B 130 -4.38 -3.94 22.20
N VAL B 131 -4.74 -3.47 21.00
CA VAL B 131 -6.15 -3.25 20.71
C VAL B 131 -6.89 -4.56 20.88
N GLY B 132 -8.11 -4.50 21.40
CA GLY B 132 -8.90 -5.72 21.56
C GLY B 132 -9.30 -6.30 20.21
N PHE B 133 -9.36 -7.64 20.15
CA PHE B 133 -9.69 -8.38 18.92
C PHE B 133 -10.91 -9.26 19.12
N TYR B 134 -11.91 -9.12 18.24
CA TYR B 134 -13.17 -9.86 18.38
C TYR B 134 -13.30 -11.02 17.41
N GLY B 135 -12.62 -10.97 16.28
CA GLY B 135 -12.72 -12.08 15.36
C GLY B 135 -12.44 -11.66 13.94
N ALA B 136 -11.84 -12.54 13.17
CA ALA B 136 -11.59 -12.30 11.76
C ALA B 136 -12.34 -13.34 10.94
N PHE B 137 -12.76 -12.96 9.74
CA PHE B 137 -13.44 -13.86 8.81
C PHE B 137 -13.40 -13.27 7.40
N TYR B 138 -13.88 -14.05 6.43
CA TYR B 138 -13.89 -13.70 5.02
C TYR B 138 -15.30 -13.83 4.45
N SER B 139 -15.68 -12.88 3.60
CA SER B 139 -16.96 -12.85 2.92
C SER B 139 -16.94 -11.71 1.93
N ASP B 140 -17.78 -11.84 0.92
CA ASP B 140 -17.94 -10.88 -0.16
C ASP B 140 -16.62 -10.41 -0.75
N GLY B 141 -15.63 -11.30 -0.77
CA GLY B 141 -14.35 -10.94 -1.39
C GLY B 141 -13.40 -10.11 -0.55
N GLU B 142 -13.69 -9.94 0.74
CA GLU B 142 -12.86 -9.14 1.62
C GLU B 142 -12.64 -9.87 2.93
N ILE B 143 -11.47 -9.68 3.50
CA ILE B 143 -11.21 -10.09 4.87
C ILE B 143 -11.74 -9.03 5.81
N SER B 144 -12.38 -9.47 6.88
CA SER B 144 -12.78 -8.59 7.98
C SER B 144 -11.98 -8.95 9.22
N ILE B 145 -11.38 -7.93 9.84
CA ILE B 145 -10.88 -8.03 11.20
C ILE B 145 -11.77 -7.14 12.07
N CYS B 146 -12.41 -7.74 13.06
CA CYS B 146 -13.26 -7.01 13.99
C CYS B 146 -12.53 -6.76 15.31
N MET B 147 -12.37 -5.48 15.66
CA MET B 147 -11.57 -5.08 16.81
C MET B 147 -12.36 -4.10 17.67
N GLU B 148 -11.88 -3.86 18.89
CA GLU B 148 -12.59 -2.94 19.78
C GLU B 148 -12.54 -1.53 19.23
N HIS B 149 -13.60 -0.77 19.50
CA HIS B 149 -13.67 0.60 19.01
C HIS B 149 -12.88 1.52 19.93
N MET B 150 -11.93 2.25 19.36
CA MET B 150 -11.15 3.26 20.08
C MET B 150 -11.66 4.67 19.73
N ASP B 151 -12.46 5.24 20.62
CA ASP B 151 -13.18 6.46 20.27
C ASP B 151 -12.28 7.71 20.15
N GLY B 152 -11.00 7.65 20.52
CA GLY B 152 -10.10 8.75 20.25
C GLY B 152 -9.50 8.75 18.86
N GLY B 153 -9.37 7.57 18.23
CA GLY B 153 -8.78 7.42 16.90
C GLY B 153 -7.31 7.05 16.96
N SER B 154 -6.64 7.17 15.84
CA SER B 154 -5.21 6.90 15.84
C SER B 154 -4.48 8.21 16.09
N LEU B 155 -3.26 8.11 16.60
CA LEU B 155 -2.53 9.34 16.88
C LEU B 155 -2.21 10.09 15.63
N ASP B 156 -2.35 9.47 14.47
CA ASP B 156 -2.18 10.18 13.21
C ASP B 156 -3.30 11.18 12.99
N GLN B 157 -4.54 10.78 13.26
CA GLN B 157 -5.63 11.74 13.25
C GLN B 157 -5.43 12.77 14.36
N VAL B 158 -5.24 12.29 15.59
CA VAL B 158 -5.12 13.21 16.72
C VAL B 158 -4.00 14.23 16.49
N LEU B 159 -2.91 13.84 15.85
CA LEU B 159 -1.85 14.78 15.51
C LEU B 159 -2.36 15.90 14.59
N LYS B 160 -3.25 15.61 13.65
CA LYS B 160 -3.70 16.67 12.76
C LYS B 160 -4.59 17.65 13.51
N LYS B 161 -5.45 17.14 14.39
CA LYS B 161 -6.24 18.00 15.25
C LYS B 161 -5.37 18.79 16.26
N ALA B 162 -4.17 18.30 16.60
CA ALA B 162 -3.33 18.98 17.57
C ALA B 162 -2.17 19.76 16.96
N GLY B 163 -1.88 19.60 15.70
CA GLY B 163 -0.73 20.31 15.17
C GLY B 163 0.60 19.81 15.67
N ARG B 164 0.84 19.84 16.98
CA ARG B 164 1.96 19.15 17.61
C ARG B 164 1.44 18.47 18.86
N ILE B 165 2.23 17.56 19.40
CA ILE B 165 1.85 16.92 20.66
C ILE B 165 2.90 17.27 21.71
N PRO B 166 2.47 17.60 22.92
CA PRO B 166 3.41 18.02 23.95
C PRO B 166 4.22 16.84 24.44
N GLU B 167 5.52 17.06 24.55
CA GLU B 167 6.44 16.10 25.14
C GLU B 167 5.89 15.38 26.38
N GLN B 168 5.19 16.09 27.26
CA GLN B 168 4.65 15.43 28.45
C GLN B 168 3.69 14.31 28.07
N ILE B 169 2.93 14.53 26.98
CA ILE B 169 2.01 13.51 26.46
C ILE B 169 2.79 12.36 25.80
N LEU B 170 3.52 12.68 24.74
CA LEU B 170 4.44 11.76 24.10
C LEU B 170 5.22 10.93 25.11
N GLY B 171 5.50 11.50 26.28
CA GLY B 171 6.17 10.70 27.29
C GLY B 171 5.33 9.49 27.64
N LYS B 172 4.06 9.72 27.96
CA LYS B 172 3.17 8.61 28.27
C LYS B 172 2.96 7.68 27.08
N VAL B 173 2.93 8.24 25.86
CA VAL B 173 2.79 7.43 24.65
C VAL B 173 3.96 6.47 24.50
N SER B 174 5.18 6.96 24.74
CA SER B 174 6.35 6.09 24.60
C SER B 174 6.29 4.94 25.59
N ILE B 175 5.83 5.22 26.81
CA ILE B 175 5.61 4.13 27.76
C ILE B 175 4.74 3.05 27.13
N ALA B 176 3.58 3.43 26.60
CA ALA B 176 2.68 2.41 26.08
C ALA B 176 3.29 1.65 24.90
N VAL B 177 3.86 2.36 23.92
CA VAL B 177 4.46 1.64 22.80
C VAL B 177 5.53 0.68 23.27
N ILE B 178 6.39 1.10 24.19
CA ILE B 178 7.45 0.22 24.67
C ILE B 178 6.85 -0.98 25.38
N LYS B 179 5.83 -0.76 26.20
CA LYS B 179 5.17 -1.87 26.85
C LYS B 179 4.53 -2.78 25.82
N GLY B 180 3.97 -2.21 24.75
CA GLY B 180 3.24 -3.01 23.78
C GLY B 180 4.14 -3.89 22.94
N LEU B 181 5.20 -3.31 22.38
CA LEU B 181 6.20 -4.12 21.73
C LEU B 181 6.74 -5.20 22.65
N THR B 182 6.93 -4.87 23.93
CA THR B 182 7.37 -5.87 24.90
C THR B 182 6.40 -7.05 24.98
N TYR B 183 5.13 -6.78 25.28
CA TYR B 183 4.14 -7.86 25.30
C TYR B 183 4.17 -8.69 24.02
N LEU B 184 4.48 -8.07 22.89
CA LEU B 184 4.51 -8.83 21.66
C LEU B 184 5.78 -9.66 21.53
N ARG B 185 6.91 -9.16 22.03
CA ARG B 185 8.19 -9.84 21.86
C ARG B 185 8.35 -11.00 22.83
N GLU B 186 7.87 -10.85 24.06
CA GLU B 186 8.01 -11.94 25.03
C GLU B 186 6.87 -12.93 24.90
N LYS B 187 5.65 -12.48 25.18
CA LYS B 187 4.52 -13.38 25.35
C LYS B 187 4.12 -14.10 24.04
N HIS B 188 4.52 -13.59 22.89
CA HIS B 188 4.12 -14.20 21.61
C HIS B 188 5.26 -14.32 20.61
N LYS B 189 6.44 -13.78 20.90
CA LYS B 189 7.62 -13.91 20.04
C LYS B 189 7.33 -13.48 18.60
N ILE B 190 6.34 -12.62 18.44
CA ILE B 190 6.06 -11.94 17.19
C ILE B 190 6.41 -10.47 17.34
N MET B 191 6.69 -9.83 16.21
CA MET B 191 7.12 -8.44 16.19
C MET B 191 6.22 -7.60 15.30
N HIS B 192 6.08 -6.32 15.68
CA HIS B 192 5.08 -5.44 15.10
C HIS B 192 5.30 -5.29 13.59
N ARG B 193 6.48 -4.83 13.22
CA ARG B 193 6.84 -4.59 11.82
C ARG B 193 6.13 -3.39 11.17
N ASP B 194 5.22 -2.70 11.87
CA ASP B 194 4.60 -1.49 11.30
C ASP B 194 4.25 -0.51 12.40
N VAL B 195 5.22 0.00 13.17
CA VAL B 195 4.91 1.06 14.11
C VAL B 195 4.89 2.38 13.37
N LYS B 196 3.81 3.12 13.51
CA LYS B 196 3.74 4.46 12.93
C LYS B 196 2.51 5.09 13.57
N PRO B 197 2.32 6.41 13.47
CA PRO B 197 1.26 7.02 14.27
C PRO B 197 -0.12 6.49 13.90
N SER B 198 -0.27 5.92 12.71
CA SER B 198 -1.56 5.41 12.24
C SER B 198 -2.03 4.18 13.00
N ASN B 199 -1.13 3.52 13.70
CA ASN B 199 -1.36 2.21 14.29
C ASN B 199 -1.27 2.27 15.81
N ILE B 200 -1.12 3.44 16.38
CA ILE B 200 -1.30 3.66 17.81
C ILE B 200 -2.68 4.25 17.99
N LEU B 201 -3.52 3.56 18.72
CA LEU B 201 -4.90 3.95 18.90
C LEU B 201 -5.11 4.40 20.35
N VAL B 202 -6.08 5.30 20.56
CA VAL B 202 -6.27 5.97 21.85
C VAL B 202 -7.75 6.19 22.09
N ASN B 203 -8.19 6.10 23.36
CA ASN B 203 -9.61 6.25 23.61
C ASN B 203 -9.87 7.25 24.76
N SER B 204 -11.15 7.45 25.07
CA SER B 204 -11.51 8.48 26.05
C SER B 204 -11.19 8.05 27.48
N ARG B 205 -10.87 6.78 27.71
CA ARG B 205 -10.48 6.32 29.03
C ARG B 205 -8.98 6.47 29.24
N GLY B 206 -8.31 7.21 28.36
CA GLY B 206 -6.89 7.43 28.46
C GLY B 206 -6.01 6.28 28.06
N GLU B 207 -6.53 5.25 27.39
CA GLU B 207 -5.70 4.11 26.99
C GLU B 207 -4.96 4.43 25.70
N ILE B 208 -3.83 3.75 25.50
CA ILE B 208 -2.99 3.90 24.32
C ILE B 208 -2.60 2.49 23.93
N LYS B 209 -3.14 2.00 22.81
CA LYS B 209 -2.98 0.62 22.38
C LYS B 209 -2.37 0.55 20.99
N LEU B 210 -1.53 -0.47 20.79
CA LEU B 210 -1.02 -0.80 19.48
C LEU B 210 -2.02 -1.67 18.72
N CYS B 211 -1.97 -1.56 17.40
CA CYS B 211 -2.72 -2.47 16.55
C CYS B 211 -2.00 -2.57 15.23
N ASP B 212 -2.60 -3.35 14.31
CA ASP B 212 -2.11 -3.59 12.93
C ASP B 212 -0.66 -4.09 12.92
N PHE B 213 -0.35 -5.02 13.83
CA PHE B 213 0.96 -5.64 13.88
C PHE B 213 0.98 -6.96 13.15
N GLY B 214 2.14 -7.28 12.57
CA GLY B 214 2.29 -8.41 11.65
C GLY B 214 2.21 -9.77 12.31
N VAL B 215 0.98 -10.26 12.54
CA VAL B 215 0.77 -11.53 13.21
C VAL B 215 0.54 -12.63 12.20
N SER B 216 0.23 -12.27 10.97
CA SER B 216 -0.11 -13.21 9.92
C SER B 216 1.03 -13.21 8.91
N GLY B 217 1.83 -14.27 8.94
CA GLY B 217 2.93 -14.38 8.00
C GLY B 217 2.49 -14.28 6.54
N GLN B 218 1.36 -14.91 6.19
CA GLN B 218 0.94 -14.93 4.79
C GLN B 218 0.40 -13.58 4.33
N LEU B 219 -0.15 -12.80 5.28
CA LEU B 219 -0.63 -11.45 4.97
C LEU B 219 0.53 -10.50 4.75
N ILE B 220 1.65 -10.71 5.42
CA ILE B 220 2.86 -9.93 5.13
C ILE B 220 3.25 -10.11 3.66
N ASP B 221 3.53 -11.34 3.24
CA ASP B 221 3.76 -11.67 1.83
C ASP B 221 2.72 -11.02 0.91
N ALA B 222 1.43 -11.17 1.23
CA ALA B 222 0.35 -10.69 0.35
C ALA B 222 0.36 -9.18 0.20
N MET B 223 0.66 -8.48 1.31
CA MET B 223 0.73 -7.03 1.34
C MET B 223 1.83 -6.45 0.43
N ALA B 224 2.88 -7.23 0.14
CA ALA B 224 4.09 -6.76 -0.55
C ALA B 224 3.91 -6.54 -2.04
N ASN B 225 2.76 -6.91 -2.60
CA ASN B 225 2.28 -6.43 -3.90
C ASN B 225 1.35 -5.23 -3.74
N ALA B 226 1.75 -4.22 -3.00
CA ALA B 226 0.95 -3.02 -2.86
C ALA B 226 1.42 -1.94 -3.83
N PHE B 227 0.55 -0.94 -4.03
CA PHE B 227 1.03 0.24 -4.71
C PHE B 227 1.91 1.01 -3.75
N VAL B 228 2.77 1.82 -4.35
CA VAL B 228 3.71 2.65 -3.62
C VAL B 228 2.99 3.65 -2.70
N GLY B 229 3.52 3.81 -1.49
CA GLY B 229 3.05 4.83 -0.55
C GLY B 229 3.75 6.15 -0.77
N THR B 230 3.43 7.11 0.10
CA THR B 230 4.05 8.43 -0.02
C THR B 230 5.21 8.66 0.94
N ARG B 231 5.34 7.83 1.96
CA ARG B 231 6.37 8.00 2.97
C ARG B 231 6.50 6.70 3.73
N SER B 232 7.71 6.44 4.24
CA SER B 232 8.06 5.21 4.93
C SER B 232 8.50 5.47 6.36
N TYR B 233 8.18 4.52 7.24
CA TYR B 233 8.70 4.44 8.61
C TYR B 233 9.65 3.25 8.77
N MET B 234 10.09 2.68 7.66
CA MET B 234 10.92 1.49 7.65
C MET B 234 12.36 1.83 8.05
N SER B 235 12.85 1.16 9.10
CA SER B 235 14.21 1.38 9.56
C SER B 235 15.23 0.96 8.50
N PRO B 236 16.40 1.59 8.48
CA PRO B 236 17.35 1.42 7.35
C PRO B 236 17.85 0.00 7.12
N GLU B 237 17.90 -0.85 8.13
CA GLU B 237 18.29 -2.23 7.87
C GLU B 237 17.20 -2.97 7.08
N ARG B 238 15.93 -2.80 7.46
CA ARG B 238 14.85 -3.46 6.75
C ARG B 238 14.79 -3.03 5.29
N LEU B 239 15.24 -1.81 4.98
CA LEU B 239 15.26 -1.32 3.62
C LEU B 239 16.38 -1.90 2.79
N GLN B 240 17.33 -2.60 3.43
CA GLN B 240 18.39 -3.32 2.74
C GLN B 240 18.43 -4.80 3.07
N GLY B 241 17.83 -5.23 4.16
CA GLY B 241 18.02 -6.58 4.62
C GLY B 241 16.76 -7.04 5.30
N THR B 242 16.82 -7.58 6.51
CA THR B 242 15.58 -7.99 7.15
C THR B 242 15.50 -7.47 8.60
N HIS B 243 14.29 -7.55 9.14
CA HIS B 243 13.95 -7.25 10.54
C HIS B 243 15.01 -7.75 11.49
N TYR B 244 15.63 -6.83 12.24
CA TYR B 244 16.65 -7.14 13.25
C TYR B 244 16.02 -7.14 14.65
N SER B 245 15.13 -8.10 14.88
CA SER B 245 14.33 -8.21 16.10
C SER B 245 13.66 -6.90 16.49
N VAL B 246 13.37 -6.74 17.78
CA VAL B 246 12.58 -5.62 18.24
C VAL B 246 13.24 -4.28 17.95
N GLN B 247 14.56 -4.26 17.72
CA GLN B 247 15.25 -2.98 17.48
C GLN B 247 14.63 -2.21 16.32
N SER B 248 14.23 -2.90 15.25
CA SER B 248 13.77 -2.19 14.07
C SER B 248 12.34 -1.67 14.22
N ASP B 249 11.57 -2.22 15.16
CA ASP B 249 10.34 -1.54 15.56
C ASP B 249 10.68 -0.23 16.28
N ILE B 250 11.79 -0.22 16.99
CA ILE B 250 12.12 0.92 17.82
C ILE B 250 12.50 2.12 16.98
N TRP B 251 13.23 1.91 15.90
CA TRP B 251 13.47 3.02 14.99
C TRP B 251 12.17 3.71 14.62
N SER B 252 11.18 2.92 14.17
CA SER B 252 9.92 3.52 13.73
C SER B 252 9.28 4.28 14.86
N MET B 253 9.32 3.75 16.08
CA MET B 253 8.76 4.48 17.20
C MET B 253 9.43 5.84 17.31
N GLY B 254 10.76 5.88 17.19
CA GLY B 254 11.45 7.15 17.28
C GLY B 254 11.03 8.12 16.20
N LEU B 255 11.01 7.66 14.96
CA LEU B 255 10.57 8.49 13.86
C LEU B 255 9.13 8.97 14.07
N SER B 256 8.29 8.12 14.65
CA SER B 256 6.93 8.55 14.93
C SER B 256 6.90 9.59 16.03
N LEU B 257 7.76 9.45 17.04
CA LEU B 257 7.85 10.46 18.08
C LEU B 257 8.27 11.80 17.52
N VAL B 258 9.35 11.83 16.75
CA VAL B 258 9.74 13.09 16.12
C VAL B 258 8.61 13.67 15.28
N GLU B 259 8.02 12.86 14.39
CA GLU B 259 6.97 13.38 13.53
C GLU B 259 5.87 14.03 14.36
N MET B 260 5.48 13.39 15.46
CA MET B 260 4.43 13.93 16.30
C MET B 260 4.89 15.10 17.16
N ALA B 261 6.15 15.09 17.59
CA ALA B 261 6.62 16.16 18.46
C ALA B 261 6.66 17.48 17.72
N VAL B 262 6.85 17.41 16.40
CA VAL B 262 7.03 18.60 15.58
C VAL B 262 5.88 18.83 14.63
N GLY B 263 4.97 17.87 14.46
CA GLY B 263 3.84 18.01 13.56
C GLY B 263 4.10 17.81 12.07
N ARG B 264 5.19 17.17 11.71
CA ARG B 264 5.60 17.15 10.32
C ARG B 264 6.40 15.89 10.13
N TYR B 265 6.26 15.28 8.95
CA TYR B 265 7.03 14.09 8.57
C TYR B 265 8.47 14.58 8.66
N PRO B 266 9.32 13.84 9.38
CA PRO B 266 10.63 14.46 9.58
C PRO B 266 11.66 14.14 8.52
N ILE B 267 11.29 13.61 7.38
CA ILE B 267 12.29 13.32 6.33
C ILE B 267 11.88 13.99 5.03
N PRO B 268 12.67 14.94 4.54
CA PRO B 268 13.91 15.41 5.13
C PRO B 268 13.69 16.39 6.31
N PRO B 269 14.66 16.53 7.21
CA PRO B 269 14.44 17.34 8.43
C PRO B 269 14.08 18.77 8.07
N PRO B 270 13.38 19.51 8.94
CA PRO B 270 12.85 20.82 8.53
C PRO B 270 13.95 21.80 8.12
N ASP B 271 13.54 22.79 7.32
CA ASP B 271 14.44 23.83 6.86
C ASP B 271 14.94 24.67 8.05
N ALA B 272 15.84 25.62 7.75
CA ALA B 272 16.40 26.49 8.79
C ALA B 272 15.35 27.43 9.39
N LYS B 273 14.44 27.99 8.56
CA LYS B 273 13.40 28.92 9.02
C LYS B 273 12.01 28.30 9.14
N GLU B 274 11.78 27.12 8.53
CA GLU B 274 10.58 26.31 8.79
C GLU B 274 10.58 25.80 10.22
N LEU B 275 11.78 25.65 10.79
CA LEU B 275 11.96 25.22 12.16
C LEU B 275 11.65 26.36 13.14
N GLU B 276 12.21 27.57 12.91
CA GLU B 276 11.89 28.75 13.72
C GLU B 276 10.40 29.12 13.57
N LEU B 277 9.74 28.59 12.54
CA LEU B 277 8.27 28.64 12.41
C LEU B 277 7.68 27.50 13.24
N MET B 278 7.80 27.64 14.56
CA MET B 278 7.47 26.60 15.53
C MET B 278 6.17 26.94 16.27
N PRO B 311 8.05 18.41 -1.88
CA PRO B 311 7.39 17.15 -2.27
C PRO B 311 8.37 16.04 -2.71
N MET B 312 9.06 15.38 -1.76
CA MET B 312 10.15 14.44 -2.09
C MET B 312 9.64 13.11 -2.65
N ALA B 313 10.43 12.54 -3.58
CA ALA B 313 10.14 11.25 -4.20
C ALA B 313 10.32 10.10 -3.20
N ILE B 314 9.40 9.15 -3.24
CA ILE B 314 9.44 8.05 -2.29
C ILE B 314 10.80 7.36 -2.34
N PHE B 315 11.38 7.21 -3.53
CA PHE B 315 12.67 6.55 -3.58
C PHE B 315 13.74 7.38 -2.86
N GLU B 316 13.69 8.70 -3.02
CA GLU B 316 14.71 9.53 -2.38
C GLU B 316 14.61 9.47 -0.86
N LEU B 317 13.39 9.42 -0.31
CA LEU B 317 13.25 9.25 1.13
C LEU B 317 13.88 7.96 1.59
N LEU B 318 13.65 6.87 0.86
CA LEU B 318 14.28 5.62 1.25
C LEU B 318 15.77 5.73 1.13
N ASP B 319 16.26 6.41 0.08
CA ASP B 319 17.69 6.62 -0.03
C ASP B 319 18.19 7.56 1.06
N TYR B 320 17.43 8.60 1.40
CA TYR B 320 17.82 9.46 2.51
C TYR B 320 17.89 8.67 3.80
N ILE B 321 16.96 7.72 4.03
CA ILE B 321 17.01 7.02 5.30
C ILE B 321 18.25 6.15 5.41
N VAL B 322 18.72 5.61 4.30
CA VAL B 322 19.85 4.68 4.32
C VAL B 322 21.18 5.44 4.27
N ASN B 323 21.26 6.54 3.53
CA ASN B 323 22.53 7.18 3.20
C ASN B 323 22.68 8.55 3.83
N GLU B 324 21.83 8.91 4.77
CA GLU B 324 21.89 10.23 5.36
C GLU B 324 21.75 10.09 6.87
N PRO B 325 22.23 11.07 7.60
CA PRO B 325 22.14 11.02 9.03
C PRO B 325 20.70 11.11 9.49
N PRO B 326 20.34 10.35 10.50
CA PRO B 326 18.97 10.27 10.94
C PRO B 326 18.50 11.58 11.49
N PRO B 327 17.19 11.79 11.58
CA PRO B 327 16.67 13.06 12.08
C PRO B 327 16.82 13.18 13.59
N LYS B 328 16.60 14.39 14.07
CA LYS B 328 16.81 14.71 15.47
C LYS B 328 15.85 15.82 15.83
N LEU B 329 15.59 15.94 17.12
CA LEU B 329 14.70 16.98 17.59
C LEU B 329 15.31 18.39 17.49
N PRO B 330 14.49 19.44 17.62
CA PRO B 330 15.01 20.80 17.60
C PRO B 330 15.81 21.13 18.86
N SER B 331 16.64 22.16 18.68
CA SER B 331 17.64 22.59 19.66
C SER B 331 17.07 22.80 21.07
N GLY B 332 16.10 23.71 21.22
CA GLY B 332 15.84 24.13 22.58
C GLY B 332 14.43 23.91 23.05
N VAL B 333 13.62 23.33 22.18
CA VAL B 333 12.19 23.25 22.44
C VAL B 333 11.86 22.08 23.35
N PHE B 334 12.66 21.03 23.34
CA PHE B 334 12.39 19.81 24.08
C PHE B 334 13.51 19.57 25.09
N SER B 335 13.18 18.92 26.20
CA SER B 335 14.17 18.65 27.21
C SER B 335 15.36 17.93 26.62
N LEU B 336 16.44 17.82 27.38
CA LEU B 336 17.55 17.05 26.84
C LEU B 336 17.29 15.56 26.98
N GLU B 337 16.53 15.16 28.00
CA GLU B 337 16.26 13.74 28.19
C GLU B 337 15.44 13.19 27.05
N PHE B 338 14.43 13.97 26.61
CA PHE B 338 13.64 13.56 25.47
C PHE B 338 14.48 13.56 24.20
N GLN B 339 15.29 14.59 23.98
CA GLN B 339 16.10 14.65 22.76
C GLN B 339 17.08 13.50 22.68
N ASP B 340 17.54 13.00 23.81
CA ASP B 340 18.46 11.87 23.79
C ASP B 340 17.71 10.59 23.50
N PHE B 341 16.56 10.42 24.15
CA PHE B 341 15.72 9.25 23.93
C PHE B 341 15.49 8.97 22.43
N VAL B 342 15.04 9.98 21.68
CA VAL B 342 14.80 9.72 20.27
C VAL B 342 16.10 9.53 19.54
N ASN B 343 17.17 10.15 20.01
CA ASN B 343 18.44 9.95 19.34
C ASN B 343 18.91 8.52 19.54
N LYS B 344 18.65 7.94 20.71
CA LYS B 344 18.98 6.54 20.90
C LYS B 344 18.10 5.64 20.08
N CYS B 345 16.88 6.09 19.74
CA CYS B 345 16.01 5.30 18.90
C CYS B 345 16.35 5.35 17.43
N LEU B 346 17.01 6.41 16.98
CA LEU B 346 17.21 6.61 15.55
C LEU B 346 18.65 6.38 15.14
N ILE B 347 19.37 5.53 15.88
CA ILE B 347 20.71 5.14 15.49
C ILE B 347 20.63 4.23 14.28
N LYS B 348 21.45 4.52 13.25
CA LYS B 348 21.30 3.78 12.00
C LYS B 348 21.75 2.33 12.12
N ASN B 349 22.65 2.02 13.01
CA ASN B 349 23.01 0.62 13.20
C ASN B 349 22.02 -0.04 14.15
N PRO B 350 21.32 -1.09 13.73
CA PRO B 350 20.31 -1.70 14.63
C PRO B 350 20.89 -2.24 15.92
N ALA B 351 22.19 -2.58 15.96
CA ALA B 351 22.77 -3.11 17.18
C ALA B 351 23.18 -1.98 18.13
N GLU B 352 23.82 -0.91 17.63
CA GLU B 352 24.11 0.26 18.46
C GLU B 352 22.84 0.94 18.97
N ARG B 353 21.75 0.85 18.22
CA ARG B 353 20.44 1.35 18.63
C ARG B 353 20.03 0.72 19.96
N ALA B 354 19.08 1.36 20.64
CA ALA B 354 18.66 0.93 21.98
C ALA B 354 17.58 -0.13 21.89
N ASP B 355 17.54 -1.01 22.89
CA ASP B 355 16.52 -2.04 22.89
C ASP B 355 15.43 -1.72 23.91
N LEU B 356 14.49 -2.63 24.08
CA LEU B 356 13.36 -2.32 24.96
C LEU B 356 13.83 -2.15 26.40
N LYS B 357 14.69 -3.03 26.87
CA LYS B 357 15.12 -2.90 28.25
C LYS B 357 15.87 -1.59 28.47
N GLN B 358 16.61 -1.11 27.46
CA GLN B 358 17.33 0.16 27.56
C GLN B 358 16.39 1.34 27.67
N LEU B 359 15.43 1.43 26.74
CA LEU B 359 14.48 2.53 26.77
C LEU B 359 13.62 2.46 28.01
N MET B 360 13.30 1.24 28.44
CA MET B 360 12.43 1.08 29.59
C MET B 360 12.94 1.81 30.82
N VAL B 361 14.25 1.93 30.98
CA VAL B 361 14.85 2.62 32.12
C VAL B 361 15.64 3.84 31.68
N HIS B 362 15.22 4.47 30.59
CA HIS B 362 15.83 5.73 30.20
C HIS B 362 15.35 6.85 31.10
N ALA B 363 16.17 7.90 31.18
CA ALA B 363 15.79 9.08 31.95
C ALA B 363 14.41 9.59 31.55
N PHE B 364 14.21 9.84 30.25
CA PHE B 364 12.95 10.38 29.75
C PHE B 364 11.76 9.49 30.08
N ILE B 365 11.98 8.18 30.16
CA ILE B 365 10.87 7.29 30.51
C ILE B 365 10.69 7.26 32.02
N LYS B 366 11.78 7.17 32.76
CA LYS B 366 11.71 7.27 34.22
C LYS B 366 10.93 8.52 34.63
N ARG B 367 11.21 9.65 33.96
CA ARG B 367 10.56 10.91 34.31
C ARG B 367 9.09 10.93 33.87
N SER B 368 8.83 10.61 32.61
CA SER B 368 7.47 10.68 32.08
C SER B 368 6.55 9.70 32.77
N ASP B 369 7.11 8.69 33.41
CA ASP B 369 6.28 7.74 34.15
C ASP B 369 5.84 8.35 35.47
N ALA B 370 6.73 9.12 36.10
CA ALA B 370 6.42 9.75 37.38
C ALA B 370 5.36 10.84 37.23
N GLU B 371 5.36 11.57 36.10
CA GLU B 371 4.44 12.69 35.91
C GLU B 371 2.99 12.22 35.89
N GLU B 372 2.12 12.97 36.55
CA GLU B 372 0.69 12.68 36.53
C GLU B 372 0.09 13.55 35.44
N VAL B 373 0.28 13.10 34.21
CA VAL B 373 -0.32 13.76 33.06
C VAL B 373 -1.74 13.26 32.93
N ASP B 374 -2.66 14.19 32.65
CA ASP B 374 -4.06 13.88 32.37
C ASP B 374 -4.20 13.68 30.87
N PHE B 375 -4.10 12.42 30.44
CA PHE B 375 -4.10 12.11 29.02
C PHE B 375 -5.51 12.08 28.45
N ALA B 376 -6.45 11.46 29.18
CA ALA B 376 -7.82 11.35 28.69
C ALA B 376 -8.41 12.74 28.42
N GLY B 377 -8.22 13.66 29.37
CA GLY B 377 -8.73 15.02 29.18
C GLY B 377 -8.00 15.77 28.08
N TRP B 378 -6.67 15.61 28.01
CA TRP B 378 -5.95 16.29 26.94
C TRP B 378 -6.48 15.87 25.59
N LEU B 379 -6.82 14.58 25.45
CA LEU B 379 -7.37 14.06 24.20
C LEU B 379 -8.75 14.66 23.92
N CYS B 380 -9.73 14.42 24.80
CA CYS B 380 -11.06 14.98 24.59
C CYS B 380 -11.04 16.48 24.27
N SER B 381 -10.28 17.29 25.03
CA SER B 381 -10.02 18.67 24.63
C SER B 381 -9.59 18.77 23.17
N THR B 382 -8.52 18.05 22.81
CA THR B 382 -7.89 18.21 21.49
C THR B 382 -8.87 17.89 20.37
N ILE B 383 -9.68 16.85 20.55
CA ILE B 383 -10.70 16.47 19.56
C ILE B 383 -11.86 17.46 19.52
N GLY B 384 -12.15 18.13 20.63
CA GLY B 384 -13.33 18.96 20.71
C GLY B 384 -14.49 18.30 21.40
N LEU B 385 -14.25 17.22 22.11
CA LEU B 385 -15.28 16.64 22.95
C LEU B 385 -15.10 17.18 24.37
N ASN B 386 -16.20 17.24 25.09
CA ASN B 386 -16.18 17.78 26.43
C ASN B 386 -15.43 16.84 27.39
N GLN B 387 -14.93 17.42 28.49
CA GLN B 387 -14.08 16.70 29.40
C GLN B 387 -14.78 15.46 29.96
N PRO B 388 -14.09 14.30 30.06
CA PRO B 388 -14.76 13.06 30.54
C PRO B 388 -14.59 12.78 32.03
N SER B 389 -14.87 11.55 32.47
CA SER B 389 -14.81 11.16 33.90
C SER B 389 -15.89 11.84 34.76
PG ANP C . -4.37 -0.13 -12.28
O1G ANP C . -5.04 1.02 -11.58
O2G ANP C . -5.17 -0.68 -13.53
O3G ANP C . -2.92 0.30 -12.75
PB ANP C . -5.67 -2.40 -11.37
O1B ANP C . -5.82 -2.62 -12.82
O2B ANP C . -5.43 -3.67 -10.54
N3B ANP C . -4.33 -1.41 -11.16
PA ANP C . -8.21 -1.23 -11.78
O1A ANP C . -7.70 -1.09 -13.17
O2A ANP C . -8.82 0.04 -11.17
O3A ANP C . -7.01 -1.78 -10.85
O5' ANP C . -9.28 -2.37 -11.76
C5' ANP C . -10.04 -2.73 -10.60
C4' ANP C . -10.80 -4.03 -10.80
O4' ANP C . -11.65 -3.91 -11.96
C3' ANP C . -9.97 -5.29 -11.02
O3' ANP C . -10.64 -6.44 -10.53
C2' ANP C . -9.87 -5.34 -12.55
O2' ANP C . -9.53 -6.67 -12.94
C1' ANP C . -11.25 -4.82 -12.97
N9 ANP C . -11.31 -4.09 -14.24
C8 ANP C . -10.57 -3.00 -14.61
N7 ANP C . -10.86 -2.52 -15.80
C5 ANP C . -11.88 -3.35 -16.24
C6 ANP C . -12.62 -3.39 -17.43
N6 ANP C . -12.44 -2.53 -18.44
N1 ANP C . -13.56 -4.34 -17.56
C2 ANP C . -13.73 -5.20 -16.56
N3 ANP C . -13.10 -5.28 -15.39
C4 ANP C . -12.18 -4.32 -15.29
MG MG D . -6.95 -2.87 -14.97
C13 QO7 E . -4.45 -6.35 12.59
C14 QO7 E . -5.63 -5.74 12.99
C15 QO7 E . -5.88 -5.59 14.35
C16 QO7 E . -4.95 -6.07 15.26
C17 QO7 E . -3.78 -6.69 14.84
C18 QO7 E . -3.54 -6.83 13.50
C21 QO7 E . -3.30 -4.72 9.05
C01 QO7 E . 1.05 -7.61 7.27
C03 QO7 E . 0.53 -9.35 8.98
C05 QO7 E . -1.24 -8.49 9.92
C06 QO7 E . -0.81 -7.65 8.94
C07 QO7 E . -1.50 -6.43 8.69
C08 QO7 E . -2.60 -6.05 9.43
C09 QO7 E . -3.06 -6.90 10.45
C10 QO7 E . -2.39 -8.12 10.70
C25 QO7 E . -3.02 -2.37 6.36
C26 QO7 E . -4.00 -1.31 5.84
F11 QO7 E . -2.81 -8.98 11.68
F20 QO7 E . -6.52 -5.27 12.07
N02 QO7 E . 0.29 -8.20 8.36
N04 QO7 E . -0.40 -9.56 9.93
N12 QO7 E . -4.25 -6.47 11.16
N23 QO7 E . -2.59 -3.77 8.19
O22 QO7 E . -4.41 -4.50 9.40
O24 QO7 E . -3.17 -2.54 7.76
O27 QO7 E . -5.23 -1.98 5.79
BR19 QO7 E . -5.28 -5.90 17.15
PG ANP F . -1.90 2.40 5.95
O1G ANP F . -1.20 1.48 6.90
O2G ANP F . -0.94 2.98 4.83
O3G ANP F . -3.06 1.57 5.25
PB ANP F . -3.56 3.47 7.93
O1B ANP F . -2.86 2.80 9.07
O2B ANP F . -4.21 4.84 8.31
N3B ANP F . -2.43 3.78 6.75
PA ANP F . -5.71 1.68 8.22
O1A ANP F . -6.32 0.57 7.46
O2A ANP F . -5.10 1.23 9.56
O3A ANP F . -4.61 2.45 7.36
O5' ANP F . -6.77 2.83 8.35
C5' ANP F . -7.81 2.86 9.30
C4' ANP F . -8.04 4.28 9.70
O4' ANP F . -9.15 4.35 10.63
C3' ANP F . -6.86 4.98 10.38
O3' ANP F . -6.67 6.33 9.99
C2' ANP F . -7.17 4.90 11.87
O2' ANP F . -6.98 6.19 12.41
C1' ANP F . -8.66 4.46 11.94
N9 ANP F . -8.87 3.20 12.68
C8 ANP F . -8.36 1.97 12.39
N7 ANP F . -8.69 1.03 13.25
C5 ANP F . -9.47 1.71 14.18
C6 ANP F . -10.14 1.28 15.35
N6 ANP F . -10.12 0.03 15.81
N1 ANP F . -10.84 2.21 16.05
C2 ANP F . -10.85 3.47 15.61
N3 ANP F . -10.26 3.99 14.53
C4 ANP F . -9.59 3.05 13.85
MG MG G . -3.43 1.00 10.48
#